data_8XPG
#
_entry.id   8XPG
#
_cell.length_a   62.304
_cell.length_b   77.614
_cell.length_c   120.644
_cell.angle_alpha   90.000
_cell.angle_beta   90.000
_cell.angle_gamma   90.000
#
_symmetry.space_group_name_H-M   'P 21 2 21'
#
loop_
_entity.id
_entity.type
_entity.pdbx_description
1 polymer 'Serine/threonine-protein kinase PLK4'
2 non-polymer 'SULFATE ION'
3 water water
#
_entity_poly.entity_id   1
_entity_poly.type   'polypeptide(L)'
_entity_poly.pdbx_seq_one_letter_code
;GYQNRTLRSITSPLVAHRLKPIRQKTKKAVVSILDSEEVCVELVKEYASQEYVKEVLQISSDGNTITIYYPNGGRGFPLA
DRPPSPTDNISRYSFDNLPEKYWRKYQYASRFVQLVRSKSPKITYFTRYAKCILMENSPGADFEVWFYDGVKIHKTEDFI
QVIEKTGKSYTLKSESEVNSLKEEIKMYMDHANEGHRICLALESIISEEERKTRSAPFFPIIIGRKPG
;
_entity_poly.pdbx_strand_id   A,B
#
loop_
_chem_comp.id
_chem_comp.type
_chem_comp.name
_chem_comp.formula
SO4 non-polymer 'SULFATE ION' 'O4 S -2'
#
# COMPACT_ATOMS: atom_id res chain seq x y z
N THR A 6 37.39 12.56 7.14
CA THR A 6 37.52 13.65 8.16
C THR A 6 36.14 14.23 8.46
N LEU A 7 35.33 14.40 7.40
CA LEU A 7 33.95 14.82 7.55
C LEU A 7 33.11 13.69 8.15
N ARG A 8 33.52 12.44 7.89
CA ARG A 8 32.91 11.26 8.49
C ARG A 8 32.87 11.41 10.02
N SER A 9 33.76 12.25 10.55
CA SER A 9 33.86 12.50 11.98
C SER A 9 32.59 13.13 12.54
N ILE A 10 31.87 13.90 11.72
CA ILE A 10 30.83 14.79 12.21
C ILE A 10 29.44 14.21 11.92
N THR A 11 29.16 13.89 10.65
CA THR A 11 27.89 13.31 10.26
C THR A 11 28.11 12.20 9.22
N SER A 12 27.01 11.53 8.86
CA SER A 12 26.99 10.57 7.76
C SER A 12 26.60 11.28 6.47
N PRO A 13 26.89 10.66 5.29
CA PRO A 13 26.23 11.05 4.05
C PRO A 13 24.73 10.97 4.25
N LEU A 14 24.01 12.01 3.83
CA LEU A 14 22.56 12.00 3.88
C LEU A 14 22.00 10.92 2.96
N VAL A 15 20.71 10.60 3.13
CA VAL A 15 20.04 9.64 2.26
C VAL A 15 18.64 10.18 1.92
N ALA A 16 18.42 10.48 0.62
CA ALA A 16 17.18 11.09 0.18
C ALA A 16 16.36 10.15 -0.71
N HIS A 17 16.74 8.86 -0.76
CA HIS A 17 15.96 7.87 -1.50
C HIS A 17 14.51 7.87 -1.02
N ARG A 18 13.59 7.87 -2.01
CA ARG A 18 12.15 7.68 -1.82
C ARG A 18 11.46 8.90 -1.20
N LEU A 19 12.20 9.97 -0.90
CA LEU A 19 11.59 11.16 -0.33
C LEU A 19 10.92 11.96 -1.44
N LYS A 20 9.84 12.68 -1.09
CA LYS A 20 9.10 13.49 -2.03
C LYS A 20 9.73 14.89 -2.11
N PRO A 21 9.64 15.57 -3.28
CA PRO A 21 10.21 16.92 -3.43
C PRO A 21 9.66 17.93 -2.44
N ILE A 22 10.51 18.87 -2.01
CA ILE A 22 10.12 19.88 -1.03
C ILE A 22 11.16 20.99 -1.02
N ARG A 23 10.74 22.21 -0.66
CA ARG A 23 11.60 23.37 -0.63
C ARG A 23 11.31 24.21 0.61
N GLN A 24 12.34 24.48 1.42
CA GLN A 24 12.18 25.23 2.65
C GLN A 24 13.26 26.31 2.75
N LYS A 25 12.84 27.55 3.03
CA LYS A 25 13.77 28.61 3.39
C LYS A 25 14.15 28.44 4.86
N THR A 26 15.46 28.53 5.14
CA THR A 26 15.98 28.56 6.50
C THR A 26 16.47 29.98 6.77
N LYS A 27 17.05 30.21 7.95
CA LYS A 27 17.77 31.45 8.25
C LYS A 27 19.13 31.44 7.55
N LYS A 28 19.68 30.23 7.34
CA LYS A 28 20.99 30.05 6.76
C LYS A 28 20.90 30.06 5.23
N ALA A 29 19.98 29.23 4.68
CA ALA A 29 19.95 28.96 3.26
C ALA A 29 18.53 28.61 2.80
N VAL A 30 18.43 28.03 1.59
CA VAL A 30 17.20 27.45 1.08
C VAL A 30 17.52 26.03 0.61
N VAL A 31 16.91 25.04 1.28
CA VAL A 31 17.23 23.64 1.05
C VAL A 31 16.09 22.99 0.25
N SER A 32 16.44 22.16 -0.73
CA SER A 32 15.47 21.57 -1.64
C SER A 32 15.79 20.10 -1.87
N ILE A 33 14.77 19.23 -1.80
CA ILE A 33 14.88 17.89 -2.36
C ILE A 33 14.25 17.94 -3.75
N LEU A 34 15.08 17.72 -4.79
CA LEU A 34 14.63 17.80 -6.17
C LEU A 34 13.84 16.56 -6.53
N ASP A 35 13.29 16.55 -7.76
CA ASP A 35 12.57 15.41 -8.29
C ASP A 35 13.54 14.25 -8.51
N SER A 36 14.80 14.58 -8.85
CA SER A 36 15.85 13.60 -9.08
C SER A 36 16.27 12.93 -7.77
N GLU A 37 15.82 13.49 -6.64
CA GLU A 37 16.12 13.02 -5.29
C GLU A 37 17.50 13.51 -4.87
N GLU A 38 18.07 14.45 -5.63
CA GLU A 38 19.23 15.20 -5.20
C GLU A 38 18.77 16.29 -4.25
N VAL A 39 19.73 16.94 -3.59
CA VAL A 39 19.43 17.92 -2.55
C VAL A 39 20.30 19.16 -2.79
N CYS A 40 19.64 20.33 -2.94
CA CYS A 40 20.33 21.58 -3.22
C CYS A 40 20.26 22.51 -2.01
N VAL A 41 21.42 23.07 -1.64
CA VAL A 41 21.50 24.13 -0.66
C VAL A 41 21.84 25.43 -1.41
N GLU A 42 20.93 26.42 -1.33
CA GLU A 42 21.12 27.72 -1.94
C GLU A 42 21.39 28.77 -0.86
N LEU A 43 22.62 29.32 -0.84
CA LEU A 43 23.00 30.30 0.16
C LEU A 43 22.74 31.70 -0.40
N VAL A 44 22.01 32.51 0.39
CA VAL A 44 21.36 33.70 -0.11
C VAL A 44 21.76 34.89 0.76
N LYS A 45 22.44 35.87 0.15
CA LYS A 45 22.68 37.17 0.77
C LYS A 45 21.60 38.15 0.35
N GLU A 46 21.57 39.33 0.99
CA GLU A 46 20.56 40.33 0.71
C GLU A 46 21.23 41.65 0.35
N TYR A 47 21.38 41.88 -0.96
CA TYR A 47 21.79 43.17 -1.52
C TYR A 47 20.54 43.87 -2.03
N ALA A 48 20.55 45.20 -2.01
CA ALA A 48 19.34 46.01 -2.20
C ALA A 48 18.38 45.69 -1.06
N SER A 49 17.20 45.12 -1.37
CA SER A 49 16.41 44.41 -0.37
C SER A 49 15.91 43.08 -0.93
N GLN A 50 16.56 42.62 -2.02
CA GLN A 50 16.15 41.41 -2.73
C GLN A 50 17.05 40.25 -2.32
N GLU A 51 16.69 39.05 -2.79
CA GLU A 51 17.36 37.82 -2.40
C GLU A 51 18.23 37.32 -3.56
N TYR A 52 19.54 37.17 -3.30
CA TYR A 52 20.49 36.73 -4.32
C TYR A 52 21.21 35.46 -3.87
N VAL A 53 21.31 34.51 -4.80
CA VAL A 53 21.97 33.23 -4.58
C VAL A 53 23.44 33.35 -4.97
N LYS A 54 24.34 33.29 -3.99
CA LYS A 54 25.77 33.47 -4.23
C LYS A 54 26.46 32.13 -4.43
N GLU A 55 25.88 31.05 -3.87
CA GLU A 55 26.49 29.73 -3.84
C GLU A 55 25.39 28.68 -3.92
N VAL A 56 25.71 27.51 -4.52
CA VAL A 56 24.79 26.38 -4.59
C VAL A 56 25.57 25.08 -4.42
N LEU A 57 25.16 24.26 -3.44
CA LEU A 57 25.67 22.92 -3.26
C LEU A 57 24.61 21.92 -3.69
N GLN A 58 25.00 20.99 -4.57
CA GLN A 58 24.09 19.97 -5.06
C GLN A 58 24.64 18.58 -4.71
N ILE A 59 23.88 17.88 -3.87
CA ILE A 59 24.30 16.62 -3.29
C ILE A 59 23.49 15.49 -3.93
N SER A 60 24.17 14.39 -4.26
CA SER A 60 23.50 13.23 -4.82
C SER A 60 22.64 12.58 -3.74
N SER A 61 21.76 11.65 -4.15
CA SER A 61 20.76 11.08 -3.27
C SER A 61 21.40 10.19 -2.19
N ASP A 62 22.60 9.68 -2.46
CA ASP A 62 23.32 8.85 -1.49
C ASP A 62 24.28 9.70 -0.66
N GLY A 63 24.33 11.02 -0.91
CA GLY A 63 25.07 11.95 -0.08
C GLY A 63 26.59 11.88 -0.28
N ASN A 64 27.06 11.11 -1.27
CA ASN A 64 28.48 10.82 -1.40
C ASN A 64 29.14 11.72 -2.45
N THR A 65 28.32 12.42 -3.24
CA THR A 65 28.84 13.28 -4.31
C THR A 65 28.28 14.68 -4.12
N ILE A 66 29.16 15.68 -4.19
CA ILE A 66 28.79 17.07 -3.95
C ILE A 66 29.30 17.95 -5.08
N THR A 67 28.37 18.71 -5.65
CA THR A 67 28.65 19.64 -6.74
C THR A 67 28.41 21.06 -6.25
N ILE A 68 29.42 21.92 -6.40
CA ILE A 68 29.35 23.28 -5.92
C ILE A 68 29.63 24.22 -7.09
N TYR A 69 28.78 25.24 -7.22
CA TYR A 69 28.97 26.21 -8.29
C TYR A 69 28.47 27.57 -7.81
N TYR A 70 29.18 28.62 -8.25
CA TYR A 70 28.88 29.99 -7.86
C TYR A 70 28.23 30.69 -9.06
N PRO A 71 26.88 30.81 -9.07
CA PRO A 71 26.17 31.43 -10.19
C PRO A 71 26.66 32.86 -10.41
N ASN A 72 27.09 33.14 -11.64
CA ASN A 72 27.45 34.48 -12.09
C ASN A 72 28.80 34.87 -11.49
N GLY A 73 29.62 33.87 -11.12
CA GLY A 73 30.97 34.08 -10.65
C GLY A 73 31.05 34.48 -9.17
N GLY A 74 29.91 34.47 -8.47
CA GLY A 74 29.85 34.94 -7.09
C GLY A 74 29.08 36.25 -6.97
N ARG A 75 28.68 36.83 -8.11
CA ARG A 75 27.78 37.98 -8.15
C ARG A 75 26.40 37.58 -7.63
N GLY A 76 25.84 36.52 -8.25
CA GLY A 76 24.62 35.90 -7.77
C GLY A 76 23.43 36.14 -8.69
N PHE A 77 22.87 35.06 -9.25
CA PHE A 77 21.56 35.10 -9.89
C PHE A 77 20.50 35.24 -8.79
N PRO A 78 19.38 35.96 -9.02
CA PRO A 78 18.40 36.22 -7.97
C PRO A 78 17.60 34.98 -7.58
N LEU A 79 16.88 35.07 -6.46
CA LEU A 79 16.15 33.95 -5.89
C LEU A 79 14.93 33.63 -6.76
N ALA A 80 14.71 32.33 -7.01
CA ALA A 80 13.56 31.83 -7.74
C ALA A 80 12.89 30.73 -6.91
N ASP A 81 12.11 29.84 -7.56
CA ASP A 81 11.47 28.74 -6.87
C ASP A 81 12.16 27.40 -7.23
N ARG A 82 12.66 27.30 -8.47
CA ARG A 82 13.62 26.28 -8.84
C ARG A 82 15.03 26.84 -8.64
N PRO A 83 16.06 26.02 -8.33
CA PRO A 83 17.44 26.52 -8.24
C PRO A 83 18.11 26.73 -9.61
N PRO A 84 19.10 27.66 -9.73
CA PRO A 84 19.71 27.99 -11.01
C PRO A 84 20.55 26.87 -11.62
N SER A 85 20.58 26.80 -12.95
CA SER A 85 21.32 25.78 -13.67
C SER A 85 22.82 25.90 -13.36
N PRO A 86 23.57 24.77 -13.34
CA PRO A 86 25.00 24.81 -13.03
C PRO A 86 25.76 25.62 -14.08
N THR A 87 26.56 26.58 -13.61
CA THR A 87 27.22 27.53 -14.47
C THR A 87 28.56 26.96 -14.92
N ASP A 88 29.52 27.82 -15.23
CA ASP A 88 30.87 27.42 -15.61
C ASP A 88 31.65 26.98 -14.38
N ASN A 89 31.51 27.74 -13.29
CA ASN A 89 32.34 27.58 -12.10
C ASN A 89 31.87 26.36 -11.30
N ILE A 90 32.18 25.15 -11.77
CA ILE A 90 31.71 23.93 -11.13
C ILE A 90 32.89 23.26 -10.42
N SER A 91 32.62 22.78 -9.19
CA SER A 91 33.50 21.89 -8.45
C SER A 91 32.71 20.64 -8.06
N ARG A 92 33.39 19.50 -7.99
CA ARG A 92 32.74 18.27 -7.57
C ARG A 92 33.68 17.49 -6.65
N TYR A 93 33.11 16.91 -5.59
CA TYR A 93 33.86 16.22 -4.54
C TYR A 93 33.14 14.96 -4.12
N SER A 94 33.93 13.98 -3.65
CA SER A 94 33.39 12.93 -2.80
C SER A 94 33.15 13.52 -1.40
N PHE A 95 32.31 12.82 -0.62
CA PHE A 95 32.04 13.17 0.77
C PHE A 95 33.35 13.30 1.56
N ASP A 96 34.30 12.39 1.29
CA ASP A 96 35.53 12.30 2.05
C ASP A 96 36.59 13.28 1.53
N ASN A 97 36.38 13.83 0.32
CA ASN A 97 37.32 14.76 -0.29
C ASN A 97 36.82 16.21 -0.14
N LEU A 98 35.66 16.39 0.49
CA LEU A 98 35.01 17.69 0.55
C LEU A 98 35.83 18.62 1.44
N PRO A 99 36.30 19.78 0.92
CA PRO A 99 36.98 20.78 1.76
C PRO A 99 36.14 21.28 2.94
N GLU A 100 36.83 21.59 4.04
CA GLU A 100 36.21 21.92 5.32
C GLU A 100 35.33 23.16 5.17
N LYS A 101 35.68 24.02 4.19
CA LYS A 101 34.91 25.20 3.86
C LYS A 101 33.40 24.92 3.77
N TYR A 102 33.03 23.70 3.36
CA TYR A 102 31.66 23.42 2.95
C TYR A 102 30.92 22.52 3.94
N TRP A 103 31.60 22.10 5.01
CA TRP A 103 31.08 21.09 5.93
C TRP A 103 29.79 21.57 6.59
N ARG A 104 29.81 22.77 7.18
CA ARG A 104 28.67 23.27 7.93
C ARG A 104 27.48 23.43 6.98
N LYS A 105 27.77 23.71 5.70
CA LYS A 105 26.74 23.89 4.70
C LYS A 105 26.17 22.54 4.25
N TYR A 106 26.98 21.47 4.31
CA TYR A 106 26.53 20.11 4.07
C TYR A 106 25.61 19.65 5.20
N GLN A 107 25.90 20.11 6.43
CA GLN A 107 25.10 19.76 7.59
C GLN A 107 23.72 20.41 7.53
N TYR A 108 23.59 21.58 6.89
CA TYR A 108 22.28 22.17 6.63
C TYR A 108 21.40 21.20 5.86
N ALA A 109 21.95 20.60 4.80
CA ALA A 109 21.23 19.65 3.96
C ALA A 109 20.96 18.36 4.73
N SER A 110 21.96 17.95 5.52
CA SER A 110 21.96 16.65 6.19
C SER A 110 20.86 16.61 7.23
N ARG A 111 20.64 17.74 7.93
CA ARG A 111 19.67 17.85 9.01
C ARG A 111 18.26 17.99 8.44
N PHE A 112 18.14 18.71 7.30
CA PHE A 112 16.86 18.87 6.64
C PHE A 112 16.33 17.52 6.17
N VAL A 113 17.22 16.71 5.61
CA VAL A 113 16.84 15.41 5.07
C VAL A 113 16.42 14.48 6.21
N GLN A 114 17.13 14.56 7.35
CA GLN A 114 16.76 13.78 8.52
C GLN A 114 15.36 14.17 8.99
N LEU A 115 15.09 15.47 9.06
CA LEU A 115 13.79 15.96 9.48
C LEU A 115 12.70 15.37 8.60
N VAL A 116 12.92 15.46 7.28
CA VAL A 116 11.96 15.02 6.28
C VAL A 116 11.77 13.51 6.37
N ARG A 117 12.86 12.78 6.66
CA ARG A 117 12.82 11.34 6.76
C ARG A 117 11.96 10.92 7.96
N SER A 118 12.10 11.67 9.06
CA SER A 118 11.42 11.37 10.30
C SER A 118 9.91 11.58 10.16
N LYS A 119 9.49 12.31 9.12
CA LYS A 119 8.08 12.58 8.89
C LYS A 119 7.60 11.87 7.62
N SER A 120 8.43 11.01 7.04
CA SER A 120 8.09 10.33 5.80
C SER A 120 7.69 8.89 6.08
N PRO A 121 6.40 8.52 5.89
CA PRO A 121 5.98 7.12 6.02
C PRO A 121 6.79 6.18 5.13
N LYS A 122 7.26 5.09 5.73
CA LYS A 122 7.86 3.97 5.02
C LYS A 122 6.90 2.79 5.01
N ILE A 123 6.33 2.47 6.19
CA ILE A 123 5.31 1.44 6.30
C ILE A 123 4.09 2.01 7.02
N THR A 124 2.93 1.91 6.37
CA THR A 124 1.65 2.18 6.99
C THR A 124 0.93 0.84 7.13
N TYR A 125 0.38 0.58 8.32
CA TYR A 125 -0.24 -0.69 8.67
C TYR A 125 -1.49 -0.41 9.50
N PHE A 126 -2.64 -0.87 8.98
CA PHE A 126 -3.93 -0.66 9.61
C PHE A 126 -4.29 -1.86 10.47
N THR A 127 -4.47 -1.61 11.77
CA THR A 127 -4.89 -2.65 12.71
C THR A 127 -6.37 -2.46 13.05
N ARG A 128 -6.86 -3.29 13.98
CA ARG A 128 -8.23 -3.20 14.46
C ARG A 128 -8.46 -1.86 15.17
N TYR A 129 -7.43 -1.34 15.85
CA TYR A 129 -7.59 -0.22 16.75
C TYR A 129 -6.86 1.04 16.29
N ALA A 130 -5.88 0.91 15.39
CA ALA A 130 -4.97 2.01 15.09
C ALA A 130 -4.42 1.96 13.67
N LYS A 131 -3.91 3.11 13.23
CA LYS A 131 -3.08 3.22 12.04
C LYS A 131 -1.63 3.43 12.46
N CYS A 132 -0.77 2.41 12.25
CA CYS A 132 0.64 2.46 12.63
C CYS A 132 1.52 2.89 11.44
N ILE A 133 2.47 3.81 11.69
CA ILE A 133 3.40 4.23 10.65
C ILE A 133 4.84 4.16 11.15
N LEU A 134 5.65 3.34 10.49
CA LEU A 134 7.10 3.35 10.64
C LEU A 134 7.69 4.32 9.61
N MET A 135 8.63 5.17 10.08
CA MET A 135 9.09 6.30 9.29
C MET A 135 10.41 5.90 8.61
N GLU A 136 10.97 6.83 7.84
CA GLU A 136 12.05 6.54 6.92
C GLU A 136 13.41 6.81 7.58
N ASN A 137 13.43 7.37 8.79
CA ASN A 137 14.66 7.84 9.41
C ASN A 137 15.34 6.68 10.15
N SER A 138 15.69 5.64 9.40
CA SER A 138 16.46 4.53 9.90
C SER A 138 17.93 4.94 10.03
N PRO A 139 18.75 4.30 10.89
CA PRO A 139 18.29 3.26 11.83
C PRO A 139 17.57 3.83 13.05
N GLY A 140 16.73 2.99 13.67
CA GLY A 140 15.90 3.43 14.78
C GLY A 140 14.88 4.47 14.33
N ALA A 141 14.15 4.15 13.27
CA ALA A 141 13.15 5.05 12.69
C ALA A 141 12.05 5.34 13.71
N ASP A 142 11.46 6.52 13.59
CA ASP A 142 10.33 6.90 14.41
C ASP A 142 9.13 6.04 14.05
N PHE A 143 8.18 5.95 15.00
CA PHE A 143 7.00 5.12 14.85
C PHE A 143 5.83 5.80 15.56
N GLU A 144 4.85 6.27 14.78
CA GLU A 144 3.66 6.93 15.29
C GLU A 144 2.47 5.97 15.18
N VAL A 145 1.61 5.97 16.22
CA VAL A 145 0.39 5.20 16.20
C VAL A 145 -0.79 6.13 16.41
N TRP A 146 -1.64 6.24 15.39
CA TRP A 146 -2.86 7.01 15.45
C TRP A 146 -4.04 6.07 15.69
N PHE A 147 -4.36 5.81 16.96
CA PHE A 147 -5.55 5.06 17.33
C PHE A 147 -6.79 5.78 16.83
N TYR A 148 -7.79 4.98 16.40
CA TYR A 148 -9.00 5.51 15.80
C TYR A 148 -9.84 6.28 16.82
N ASP A 149 -9.57 6.08 18.13
CA ASP A 149 -10.35 6.69 19.20
C ASP A 149 -9.77 8.03 19.64
N GLY A 150 -8.58 8.39 19.18
CA GLY A 150 -8.03 9.72 19.42
C GLY A 150 -6.68 9.73 20.14
N VAL A 151 -6.28 8.59 20.73
CA VAL A 151 -4.98 8.47 21.36
C VAL A 151 -3.90 8.43 20.27
N LYS A 152 -2.72 8.98 20.61
CA LYS A 152 -1.56 8.94 19.75
C LYS A 152 -0.34 8.55 20.57
N ILE A 153 0.51 7.68 20.01
CA ILE A 153 1.77 7.32 20.63
C ILE A 153 2.88 7.60 19.62
N HIS A 154 4.02 8.09 20.10
CA HIS A 154 5.13 8.45 19.24
C HIS A 154 6.41 7.87 19.82
N LYS A 155 6.96 6.84 19.17
CA LYS A 155 8.16 6.16 19.62
C LYS A 155 9.39 6.69 18.88
N THR A 156 10.08 7.65 19.51
CA THR A 156 11.46 7.97 19.18
C THR A 156 12.35 6.86 19.76
N GLU A 157 13.62 6.85 19.36
CA GLU A 157 14.57 5.86 19.89
C GLU A 157 15.08 6.31 21.25
N ASP A 158 14.87 7.59 21.61
CA ASP A 158 15.14 8.08 22.94
C ASP A 158 13.91 7.89 23.82
N PHE A 159 12.80 8.53 23.42
CA PHE A 159 11.63 8.70 24.27
C PHE A 159 10.37 8.15 23.61
N ILE A 160 9.28 8.11 24.38
CA ILE A 160 7.97 7.72 23.87
C ILE A 160 6.94 8.76 24.31
N GLN A 161 6.40 9.51 23.36
CA GLN A 161 5.39 10.52 23.65
C GLN A 161 4.01 9.87 23.58
N VAL A 162 3.17 10.23 24.56
CA VAL A 162 1.78 9.80 24.59
C VAL A 162 0.91 11.05 24.59
N ILE A 163 -0.21 10.97 23.86
CA ILE A 163 -1.22 12.04 23.81
C ILE A 163 -2.60 11.38 23.97
N GLU A 164 -3.31 11.76 25.03
CA GLU A 164 -4.63 11.21 25.33
C GLU A 164 -5.67 11.91 24.46
N LYS A 165 -6.91 11.40 24.50
CA LYS A 165 -8.00 11.90 23.68
C LYS A 165 -8.24 13.38 23.97
N THR A 166 -8.07 13.76 25.24
CA THR A 166 -8.25 15.15 25.68
C THR A 166 -7.19 16.05 25.05
N GLY A 167 -5.96 15.54 24.93
CA GLY A 167 -4.83 16.33 24.48
C GLY A 167 -3.70 16.34 25.51
N LYS A 168 -3.99 15.84 26.72
CA LYS A 168 -2.98 15.67 27.76
C LYS A 168 -1.79 14.89 27.20
N SER A 169 -0.62 15.55 27.19
CA SER A 169 0.60 14.98 26.63
C SER A 169 1.61 14.71 27.73
N TYR A 170 2.41 13.65 27.55
CA TYR A 170 3.55 13.41 28.42
C TYR A 170 4.56 12.51 27.69
N THR A 171 5.80 12.55 28.17
CA THR A 171 6.95 11.89 27.55
C THR A 171 7.53 10.88 28.52
N LEU A 172 8.04 9.76 28.00
CA LEU A 172 8.52 8.66 28.81
C LEU A 172 9.90 8.24 28.30
N LYS A 173 10.89 8.21 29.22
CA LYS A 173 12.29 8.11 28.84
C LYS A 173 12.95 6.87 29.47
N SER A 174 12.15 6.02 30.14
CA SER A 174 12.70 4.94 30.95
C SER A 174 11.67 3.83 31.15
N GLU A 175 12.18 2.63 31.48
CA GLU A 175 11.33 1.47 31.79
C GLU A 175 10.61 1.69 33.12
N SER A 176 11.19 2.52 33.99
CA SER A 176 10.61 2.81 35.30
C SER A 176 9.39 3.72 35.18
N GLU A 177 9.38 4.59 34.16
CA GLU A 177 8.31 5.55 33.97
C GLU A 177 7.09 4.88 33.33
N VAL A 178 7.35 3.99 32.37
CA VAL A 178 6.30 3.31 31.62
C VAL A 178 5.56 2.34 32.53
N ASN A 179 6.28 1.68 33.44
CA ASN A 179 5.71 0.67 34.31
C ASN A 179 4.65 1.30 35.22
N SER A 180 4.87 2.55 35.63
CA SER A 180 3.94 3.24 36.50
C SER A 180 2.92 4.04 35.69
N LEU A 181 2.32 3.38 34.69
CA LEU A 181 1.29 3.98 33.87
C LEU A 181 -0.07 3.39 34.23
N LYS A 182 -1.12 4.19 34.05
CA LYS A 182 -2.50 3.75 34.19
C LYS A 182 -2.72 2.51 33.31
N GLU A 183 -3.64 1.65 33.71
CA GLU A 183 -3.77 0.33 33.10
C GLU A 183 -4.25 0.46 31.66
N GLU A 184 -5.16 1.40 31.41
CA GLU A 184 -5.73 1.58 30.07
C GLU A 184 -4.64 2.05 29.10
N ILE A 185 -3.70 2.88 29.60
CA ILE A 185 -2.65 3.45 28.78
C ILE A 185 -1.65 2.38 28.39
N LYS A 186 -1.44 1.39 29.27
CA LYS A 186 -0.54 0.28 28.99
C LYS A 186 -1.11 -0.61 27.88
N MET A 187 -2.44 -0.66 27.78
CA MET A 187 -3.09 -1.43 26.73
C MET A 187 -2.75 -0.81 25.37
N TYR A 188 -2.95 0.50 25.27
CA TYR A 188 -2.56 1.27 24.10
C TYR A 188 -1.09 1.01 23.78
N MET A 189 -0.25 1.12 24.80
CA MET A 189 1.19 1.01 24.66
C MET A 189 1.58 -0.37 24.14
N ASP A 190 0.84 -1.39 24.59
CA ASP A 190 1.09 -2.77 24.21
C ASP A 190 0.72 -3.00 22.74
N HIS A 191 -0.39 -2.40 22.30
CA HIS A 191 -0.78 -2.47 20.89
C HIS A 191 0.27 -1.79 20.03
N ALA A 192 0.73 -0.59 20.46
CA ALA A 192 1.78 0.15 19.78
C ALA A 192 3.04 -0.70 19.61
N ASN A 193 3.46 -1.41 20.67
CA ASN A 193 4.70 -2.18 20.61
C ASN A 193 4.52 -3.41 19.73
N GLU A 194 3.34 -4.03 19.82
CA GLU A 194 2.98 -5.17 18.98
C GLU A 194 3.14 -4.76 17.52
N GLY A 195 2.57 -3.61 17.16
CA GLY A 195 2.59 -3.10 15.79
C GLY A 195 3.99 -2.72 15.33
N HIS A 196 4.78 -2.14 16.24
CA HIS A 196 6.16 -1.79 15.95
C HIS A 196 6.91 -3.02 15.44
N ARG A 197 6.92 -4.09 16.26
CA ARG A 197 7.60 -5.33 15.94
C ARG A 197 7.20 -5.83 14.55
N ILE A 198 5.89 -5.88 14.30
CA ILE A 198 5.34 -6.37 13.04
C ILE A 198 5.92 -5.54 11.89
N CYS A 199 5.87 -4.21 12.02
CA CYS A 199 6.38 -3.34 10.98
C CYS A 199 7.88 -3.57 10.77
N LEU A 200 8.63 -3.78 11.86
CA LEU A 200 10.07 -4.00 11.79
C LEU A 200 10.39 -5.33 11.12
N ALA A 201 9.58 -6.35 11.42
CA ALA A 201 9.81 -7.67 10.84
C ALA A 201 9.59 -7.60 9.33
N LEU A 202 8.47 -6.99 8.95
CA LEU A 202 8.09 -6.79 7.56
C LEU A 202 9.15 -5.98 6.83
N GLU A 203 9.59 -4.87 7.43
CA GLU A 203 10.61 -4.04 6.82
C GLU A 203 11.80 -4.91 6.44
N SER A 204 12.20 -5.82 7.34
CA SER A 204 13.39 -6.62 7.15
C SER A 204 13.22 -7.58 5.98
N ILE A 205 12.04 -8.21 5.89
CA ILE A 205 11.76 -9.24 4.89
C ILE A 205 11.58 -8.64 3.51
N ILE A 206 10.91 -7.48 3.43
CA ILE A 206 10.75 -6.78 2.17
C ILE A 206 12.11 -6.27 1.71
N SER A 207 12.87 -5.65 2.61
CA SER A 207 14.21 -5.15 2.34
C SER A 207 15.13 -6.25 1.83
N GLU A 208 15.09 -7.41 2.50
CA GLU A 208 15.81 -8.60 2.09
C GLU A 208 15.49 -8.91 0.62
N GLU A 209 14.19 -9.01 0.33
CA GLU A 209 13.70 -9.40 -0.98
C GLU A 209 14.00 -8.32 -2.02
N GLU A 210 14.09 -7.07 -1.58
CA GLU A 210 14.38 -5.97 -2.49
C GLU A 210 15.82 -6.08 -2.98
N ARG A 211 16.73 -6.53 -2.11
CA ARG A 211 18.14 -6.67 -2.45
C ARG A 211 18.30 -7.77 -3.50
N LYS A 212 17.51 -8.84 -3.37
CA LYS A 212 17.61 -10.00 -4.25
C LYS A 212 16.98 -9.68 -5.61
N THR A 213 16.12 -8.65 -5.67
CA THR A 213 15.43 -8.29 -6.89
C THR A 213 15.67 -6.82 -7.21
N ARG A 214 16.77 -6.55 -7.93
CA ARG A 214 17.12 -5.18 -8.28
C ARG A 214 16.05 -4.64 -9.22
N SER A 215 15.21 -3.72 -8.70
CA SER A 215 14.01 -3.28 -9.41
C SER A 215 13.48 -1.98 -8.79
N ALA A 216 12.24 -1.59 -9.18
CA ALA A 216 11.59 -0.41 -8.64
C ALA A 216 11.39 -0.58 -7.14
N PRO A 217 11.49 0.51 -6.34
CA PRO A 217 11.46 0.41 -4.88
C PRO A 217 10.22 -0.33 -4.35
N PHE A 218 10.40 -1.00 -3.21
CA PHE A 218 9.31 -1.69 -2.53
C PHE A 218 8.78 -0.82 -1.38
N PHE A 219 9.14 0.47 -1.36
CA PHE A 219 8.76 1.38 -0.28
C PHE A 219 8.44 2.76 -0.86
N PRO A 220 7.43 3.49 -0.35
CA PRO A 220 6.64 3.06 0.80
C PRO A 220 5.63 1.97 0.48
N ILE A 221 5.06 1.40 1.53
CA ILE A 221 4.06 0.36 1.43
C ILE A 221 2.91 0.71 2.37
N ILE A 222 1.69 0.45 1.92
CA ILE A 222 0.49 0.57 2.75
C ILE A 222 -0.13 -0.81 2.89
N ILE A 223 -0.36 -1.23 4.14
CA ILE A 223 -0.81 -2.58 4.45
C ILE A 223 -2.19 -2.52 5.09
N GLY A 224 -3.15 -3.21 4.46
CA GLY A 224 -4.52 -3.26 4.97
C GLY A 224 -5.28 -1.98 4.67
N ARG A 225 -6.44 -1.82 5.32
CA ARG A 225 -7.30 -0.66 5.13
C ARG A 225 -7.90 -0.27 6.48
N LYS A 226 -8.41 0.98 6.57
CA LYS A 226 -9.13 1.44 7.75
C LYS A 226 -10.51 0.78 7.79
N PRO A 227 -10.94 0.16 8.92
CA PRO A 227 -12.19 -0.60 8.98
C PRO A 227 -13.46 0.24 9.16
N ASN B 4 -22.10 -41.07 -7.42
CA ASN B 4 -21.34 -40.45 -6.29
C ASN B 4 -20.76 -39.10 -6.71
N ARG B 5 -21.52 -38.34 -7.53
CA ARG B 5 -21.18 -36.96 -7.83
C ARG B 5 -21.38 -36.14 -6.56
N THR B 6 -20.44 -35.23 -6.28
CA THR B 6 -20.46 -34.41 -5.08
C THR B 6 -20.50 -32.93 -5.48
N LEU B 7 -20.61 -32.06 -4.48
CA LEU B 7 -20.61 -30.62 -4.70
C LEU B 7 -19.19 -30.13 -5.01
N ARG B 8 -18.17 -30.82 -4.47
CA ARG B 8 -16.79 -30.48 -4.73
C ARG B 8 -16.47 -30.69 -6.22
N SER B 9 -16.99 -31.78 -6.78
CA SER B 9 -16.90 -32.07 -8.20
C SER B 9 -17.14 -30.80 -9.03
N ILE B 10 -18.13 -30.00 -8.60
CA ILE B 10 -18.59 -28.85 -9.32
C ILE B 10 -17.84 -27.59 -8.90
N THR B 11 -17.63 -27.41 -7.59
CA THR B 11 -17.03 -26.19 -7.06
C THR B 11 -16.36 -26.46 -5.72
N SER B 12 -15.34 -25.65 -5.42
CA SER B 12 -14.79 -25.58 -4.07
C SER B 12 -15.65 -24.64 -3.22
N PRO B 13 -15.54 -24.68 -1.88
CA PRO B 13 -16.08 -23.63 -1.02
C PRO B 13 -15.57 -22.25 -1.42
N LEU B 14 -16.49 -21.28 -1.53
CA LEU B 14 -16.13 -19.91 -1.82
C LEU B 14 -15.28 -19.33 -0.70
N VAL B 15 -14.67 -18.17 -0.98
CA VAL B 15 -13.75 -17.50 -0.06
C VAL B 15 -13.93 -15.99 -0.21
N ALA B 16 -14.58 -15.38 0.80
CA ALA B 16 -14.96 -13.97 0.75
C ALA B 16 -14.09 -13.11 1.68
N HIS B 17 -12.94 -13.63 2.11
CA HIS B 17 -12.07 -12.87 3.00
C HIS B 17 -11.53 -11.64 2.26
N ARG B 18 -11.54 -10.50 2.95
CA ARG B 18 -10.93 -9.24 2.50
C ARG B 18 -11.73 -8.56 1.38
N LEU B 19 -12.84 -9.17 0.93
CA LEU B 19 -13.65 -8.58 -0.11
C LEU B 19 -14.56 -7.54 0.52
N LYS B 20 -14.78 -6.42 -0.19
CA LYS B 20 -15.64 -5.34 0.27
C LYS B 20 -17.10 -5.63 -0.09
N PRO B 21 -18.07 -5.08 0.67
CA PRO B 21 -19.49 -5.34 0.42
C PRO B 21 -19.94 -4.96 -0.99
N ILE B 22 -20.83 -5.77 -1.55
CA ILE B 22 -21.33 -5.57 -2.91
C ILE B 22 -22.59 -6.40 -3.08
N ARG B 23 -23.53 -5.89 -3.89
CA ARG B 23 -24.85 -6.47 -4.09
C ARG B 23 -25.15 -6.54 -5.59
N GLN B 24 -25.28 -7.75 -6.15
CA GLN B 24 -25.59 -7.93 -7.57
C GLN B 24 -27.00 -8.50 -7.74
N LYS B 25 -27.85 -7.77 -8.47
CA LYS B 25 -29.23 -8.18 -8.71
C LYS B 25 -29.39 -8.74 -10.12
N THR B 26 -29.88 -9.99 -10.23
CA THR B 26 -30.33 -10.58 -11.48
C THR B 26 -31.85 -10.72 -11.43
N LYS B 27 -32.42 -11.46 -12.40
CA LYS B 27 -33.87 -11.64 -12.45
C LYS B 27 -34.31 -12.64 -11.39
N LYS B 28 -33.56 -13.75 -11.24
CA LYS B 28 -33.97 -14.84 -10.37
C LYS B 28 -33.42 -14.66 -8.95
N ALA B 29 -32.18 -14.18 -8.82
CA ALA B 29 -31.47 -14.13 -7.55
C ALA B 29 -30.82 -12.78 -7.31
N VAL B 30 -30.66 -12.42 -6.04
CA VAL B 30 -29.79 -11.33 -5.61
C VAL B 30 -28.68 -11.91 -4.73
N VAL B 31 -27.44 -11.51 -5.00
CA VAL B 31 -26.27 -12.06 -4.35
C VAL B 31 -25.50 -10.93 -3.67
N SER B 32 -25.22 -11.10 -2.37
CA SER B 32 -24.59 -10.07 -1.57
C SER B 32 -23.39 -10.63 -0.82
N ILE B 33 -22.28 -9.89 -0.86
CA ILE B 33 -21.22 -10.03 0.12
C ILE B 33 -21.48 -8.99 1.21
N LEU B 34 -21.81 -9.45 2.41
CA LEU B 34 -22.14 -8.54 3.50
C LEU B 34 -20.86 -7.97 4.12
N ASP B 35 -21.09 -7.00 5.01
CA ASP B 35 -20.05 -6.34 5.78
C ASP B 35 -19.30 -7.37 6.63
N SER B 36 -20.01 -8.41 7.07
CA SER B 36 -19.44 -9.48 7.88
C SER B 36 -18.59 -10.42 7.02
N GLU B 37 -18.65 -10.27 5.70
CA GLU B 37 -17.97 -11.14 4.74
C GLU B 37 -18.75 -12.45 4.53
N GLU B 38 -19.96 -12.55 5.08
CA GLU B 38 -20.86 -13.63 4.68
C GLU B 38 -21.45 -13.31 3.31
N VAL B 39 -21.85 -14.39 2.62
CA VAL B 39 -22.37 -14.28 1.28
C VAL B 39 -23.81 -14.80 1.26
N CYS B 40 -24.75 -13.93 0.84
CA CYS B 40 -26.16 -14.27 0.87
C CYS B 40 -26.72 -14.33 -0.55
N VAL B 41 -27.55 -15.36 -0.80
CA VAL B 41 -28.28 -15.50 -2.05
C VAL B 41 -29.76 -15.37 -1.72
N GLU B 42 -30.38 -14.27 -2.15
CA GLU B 42 -31.81 -14.06 -1.97
C GLU B 42 -32.52 -14.47 -3.25
N LEU B 43 -33.42 -15.45 -3.16
CA LEU B 43 -34.20 -15.88 -4.31
C LEU B 43 -35.57 -15.21 -4.30
N VAL B 44 -35.94 -14.66 -5.46
CA VAL B 44 -36.91 -13.58 -5.56
C VAL B 44 -38.05 -13.98 -6.53
N LYS B 45 -39.30 -13.72 -6.12
CA LYS B 45 -40.44 -13.80 -7.02
C LYS B 45 -41.06 -12.42 -7.18
N GLU B 46 -41.66 -12.18 -8.35
CA GLU B 46 -42.30 -10.90 -8.65
C GLU B 46 -43.82 -11.05 -8.51
N TYR B 47 -44.41 -10.27 -7.58
CA TYR B 47 -45.86 -10.23 -7.39
C TYR B 47 -46.36 -8.81 -7.66
N ALA B 48 -46.81 -8.57 -8.90
CA ALA B 48 -47.44 -7.33 -9.29
C ALA B 48 -46.50 -6.15 -9.05
N SER B 49 -45.44 -6.09 -9.88
CA SER B 49 -44.55 -4.95 -9.97
C SER B 49 -43.78 -4.73 -8.67
N GLN B 50 -43.49 -5.83 -7.95
CA GLN B 50 -42.77 -5.76 -6.69
C GLN B 50 -42.01 -7.06 -6.45
N GLU B 51 -40.71 -6.94 -6.12
CA GLU B 51 -39.85 -8.08 -5.88
C GLU B 51 -40.04 -8.55 -4.43
N TYR B 52 -40.09 -9.87 -4.23
CA TYR B 52 -40.22 -10.47 -2.91
C TYR B 52 -39.11 -11.50 -2.71
N VAL B 53 -38.66 -11.64 -1.46
CA VAL B 53 -37.64 -12.62 -1.11
C VAL B 53 -38.30 -13.82 -0.43
N LYS B 54 -38.23 -14.98 -1.08
CA LYS B 54 -38.92 -16.17 -0.60
C LYS B 54 -37.94 -17.18 -0.02
N GLU B 55 -36.66 -17.06 -0.36
CA GLU B 55 -35.66 -17.99 0.15
C GLU B 55 -34.32 -17.28 0.30
N VAL B 56 -33.59 -17.61 1.37
CA VAL B 56 -32.26 -17.07 1.57
C VAL B 56 -31.29 -18.20 1.89
N LEU B 57 -30.13 -18.18 1.20
CA LEU B 57 -28.98 -18.97 1.58
C LEU B 57 -27.92 -18.03 2.17
N GLN B 58 -27.54 -18.30 3.43
CA GLN B 58 -26.55 -17.50 4.12
C GLN B 58 -25.29 -18.35 4.30
N ILE B 59 -24.26 -18.03 3.51
CA ILE B 59 -23.04 -18.80 3.46
C ILE B 59 -21.94 -18.04 4.19
N SER B 60 -21.17 -18.77 5.01
CA SER B 60 -20.07 -18.20 5.76
C SER B 60 -18.97 -17.74 4.81
N SER B 61 -18.07 -16.90 5.34
CA SER B 61 -17.01 -16.29 4.55
C SER B 61 -16.02 -17.33 4.01
N ASP B 62 -15.93 -18.49 4.67
CA ASP B 62 -15.03 -19.57 4.21
C ASP B 62 -15.82 -20.61 3.41
N GLY B 63 -17.13 -20.36 3.19
CA GLY B 63 -17.91 -21.15 2.26
C GLY B 63 -18.33 -22.52 2.80
N ASN B 64 -18.02 -22.81 4.07
CA ASN B 64 -18.17 -24.16 4.62
C ASN B 64 -19.54 -24.37 5.27
N THR B 65 -20.24 -23.29 5.60
CA THR B 65 -21.48 -23.37 6.36
C THR B 65 -22.58 -22.64 5.62
N ILE B 66 -23.71 -23.31 5.45
CA ILE B 66 -24.83 -22.81 4.67
C ILE B 66 -26.08 -22.88 5.53
N THR B 67 -26.64 -21.71 5.83
CA THR B 67 -27.89 -21.59 6.57
C THR B 67 -29.00 -21.19 5.62
N ILE B 68 -30.13 -21.91 5.67
CA ILE B 68 -31.22 -21.71 4.73
C ILE B 68 -32.50 -21.38 5.47
N TYR B 69 -33.22 -20.34 5.01
CA TYR B 69 -34.48 -19.96 5.63
C TYR B 69 -35.42 -19.27 4.65
N TYR B 70 -36.70 -19.20 5.05
CA TYR B 70 -37.78 -18.70 4.20
C TYR B 70 -38.50 -17.56 4.90
N PRO B 71 -38.09 -16.29 4.64
CA PRO B 71 -38.63 -15.13 5.35
C PRO B 71 -40.16 -15.08 5.40
N ASN B 72 -40.68 -14.66 6.55
CA ASN B 72 -42.09 -14.39 6.74
C ASN B 72 -42.87 -15.70 6.64
N GLY B 73 -42.32 -16.74 7.29
CA GLY B 73 -42.93 -18.05 7.31
C GLY B 73 -43.31 -18.56 5.91
N GLY B 74 -42.45 -18.28 4.91
CA GLY B 74 -42.64 -18.79 3.56
C GLY B 74 -43.39 -17.82 2.65
N ARG B 75 -44.02 -16.79 3.22
CA ARG B 75 -44.79 -15.82 2.45
C ARG B 75 -43.85 -14.83 1.76
N GLY B 76 -42.71 -14.53 2.41
CA GLY B 76 -41.68 -13.67 1.85
C GLY B 76 -41.83 -12.23 2.31
N PHE B 77 -40.71 -11.47 2.23
CA PHE B 77 -40.71 -10.03 2.45
C PHE B 77 -40.33 -9.33 1.14
N PRO B 78 -40.80 -8.09 0.91
CA PRO B 78 -40.34 -7.29 -0.23
C PRO B 78 -38.81 -7.15 -0.18
N LEU B 79 -38.21 -7.11 -1.37
CA LEU B 79 -36.77 -7.02 -1.51
C LEU B 79 -36.27 -5.71 -0.91
N ALA B 80 -35.06 -5.74 -0.34
CA ALA B 80 -34.50 -4.60 0.36
C ALA B 80 -33.02 -4.44 -0.01
N ASP B 81 -32.37 -3.47 0.64
CA ASP B 81 -30.94 -3.20 0.46
C ASP B 81 -30.12 -4.34 1.05
N ARG B 82 -30.60 -4.87 2.18
CA ARG B 82 -29.93 -5.91 2.95
C ARG B 82 -30.84 -7.14 2.94
N PRO B 83 -30.32 -8.38 3.10
CA PRO B 83 -31.18 -9.55 3.23
C PRO B 83 -31.80 -9.61 4.63
N PRO B 84 -33.07 -10.08 4.78
CA PRO B 84 -33.68 -10.18 6.11
C PRO B 84 -32.94 -11.17 7.00
N SER B 85 -33.13 -11.05 8.31
CA SER B 85 -32.42 -11.88 9.26
C SER B 85 -33.12 -13.22 9.43
N PRO B 86 -32.36 -14.30 9.76
CA PRO B 86 -32.95 -15.56 10.18
C PRO B 86 -33.69 -15.41 11.50
N THR B 87 -34.80 -16.14 11.64
CA THR B 87 -35.46 -16.33 12.92
C THR B 87 -34.91 -17.62 13.53
N ASP B 88 -35.67 -18.27 14.42
CA ASP B 88 -35.27 -19.58 14.94
C ASP B 88 -35.52 -20.67 13.91
N ASN B 89 -36.37 -20.38 12.91
CA ASN B 89 -36.73 -21.38 11.92
C ASN B 89 -35.70 -21.37 10.80
N ILE B 90 -34.74 -22.29 10.89
CA ILE B 90 -33.63 -22.36 9.96
C ILE B 90 -33.25 -23.82 9.76
N SER B 91 -32.66 -24.10 8.59
CA SER B 91 -31.88 -25.31 8.38
C SER B 91 -30.44 -24.91 8.11
N ARG B 92 -29.50 -25.70 8.63
CA ARG B 92 -28.10 -25.39 8.44
C ARG B 92 -27.38 -26.67 8.03
N TYR B 93 -26.40 -26.50 7.13
CA TYR B 93 -25.63 -27.61 6.59
C TYR B 93 -24.15 -27.25 6.50
N SER B 94 -23.30 -28.29 6.51
CA SER B 94 -21.92 -28.14 6.06
C SER B 94 -21.88 -28.30 4.55
N PHE B 95 -20.79 -27.82 3.94
CA PHE B 95 -20.60 -27.83 2.50
C PHE B 95 -20.92 -29.20 1.91
N ASP B 96 -20.31 -30.25 2.47
CA ASP B 96 -20.39 -31.59 1.89
C ASP B 96 -21.72 -32.27 2.25
N ASN B 97 -22.54 -31.65 3.12
CA ASN B 97 -23.83 -32.21 3.48
C ASN B 97 -24.99 -31.44 2.85
N LEU B 98 -24.69 -30.36 2.12
CA LEU B 98 -25.72 -29.56 1.49
C LEU B 98 -26.50 -30.43 0.51
N PRO B 99 -27.85 -30.53 0.63
CA PRO B 99 -28.67 -31.26 -0.34
C PRO B 99 -28.52 -30.77 -1.77
N GLU B 100 -28.78 -31.66 -2.73
CA GLU B 100 -28.45 -31.46 -4.14
C GLU B 100 -29.26 -30.32 -4.75
N LYS B 101 -30.47 -30.09 -4.24
CA LYS B 101 -31.34 -29.06 -4.79
C LYS B 101 -30.80 -27.66 -4.52
N TYR B 102 -29.81 -27.54 -3.63
CA TYR B 102 -29.25 -26.24 -3.29
C TYR B 102 -27.95 -25.97 -4.04
N TRP B 103 -27.43 -26.98 -4.76
CA TRP B 103 -26.14 -26.92 -5.41
C TRP B 103 -26.05 -25.75 -6.40
N ARG B 104 -27.02 -25.65 -7.30
CA ARG B 104 -27.04 -24.60 -8.32
C ARG B 104 -27.06 -23.22 -7.65
N LYS B 105 -27.79 -23.11 -6.54
CA LYS B 105 -27.96 -21.84 -5.85
C LYS B 105 -26.67 -21.45 -5.13
N TYR B 106 -25.90 -22.45 -4.68
CA TYR B 106 -24.57 -22.20 -4.13
C TYR B 106 -23.65 -21.66 -5.22
N GLN B 107 -23.80 -22.17 -6.45
CA GLN B 107 -22.97 -21.75 -7.59
C GLN B 107 -23.17 -20.28 -7.90
N TYR B 108 -24.41 -19.78 -7.81
CA TYR B 108 -24.65 -18.34 -7.97
C TYR B 108 -23.67 -17.56 -7.10
N ALA B 109 -23.41 -18.07 -5.88
CA ALA B 109 -22.54 -17.40 -4.91
C ALA B 109 -21.06 -17.61 -5.26
N SER B 110 -20.67 -18.87 -5.49
CA SER B 110 -19.30 -19.20 -5.87
C SER B 110 -18.85 -18.40 -7.08
N ARG B 111 -19.64 -18.45 -8.16
CA ARG B 111 -19.31 -17.80 -9.41
C ARG B 111 -19.17 -16.30 -9.21
N PHE B 112 -20.06 -15.72 -8.39
CA PHE B 112 -20.05 -14.30 -8.13
C PHE B 112 -18.84 -13.89 -7.27
N VAL B 113 -18.45 -14.76 -6.32
CA VAL B 113 -17.34 -14.49 -5.43
C VAL B 113 -16.03 -14.59 -6.22
N GLN B 114 -16.00 -15.47 -7.23
CA GLN B 114 -14.82 -15.61 -8.07
C GLN B 114 -14.70 -14.37 -8.96
N LEU B 115 -15.82 -13.85 -9.46
CA LEU B 115 -15.84 -12.63 -10.26
C LEU B 115 -15.29 -11.45 -9.45
N VAL B 116 -15.81 -11.27 -8.23
CA VAL B 116 -15.41 -10.17 -7.38
C VAL B 116 -13.91 -10.25 -7.09
N ARG B 117 -13.43 -11.44 -6.68
CA ARG B 117 -12.02 -11.65 -6.40
C ARG B 117 -11.16 -11.21 -7.58
N SER B 118 -11.60 -11.58 -8.80
CA SER B 118 -10.83 -11.33 -10.01
C SER B 118 -10.73 -9.85 -10.33
N LYS B 119 -11.51 -8.99 -9.65
CA LYS B 119 -11.41 -7.55 -9.83
C LYS B 119 -11.06 -6.86 -8.52
N SER B 120 -10.56 -7.62 -7.54
CA SER B 120 -10.24 -7.11 -6.22
C SER B 120 -8.71 -7.05 -6.05
N PRO B 121 -8.09 -5.84 -6.05
CA PRO B 121 -6.66 -5.68 -5.84
C PRO B 121 -6.18 -6.33 -4.54
N LYS B 122 -5.17 -7.19 -4.67
CA LYS B 122 -4.50 -7.77 -3.51
C LYS B 122 -3.15 -7.08 -3.30
N ILE B 123 -2.35 -6.99 -4.37
CA ILE B 123 -1.08 -6.28 -4.36
C ILE B 123 -1.05 -5.28 -5.51
N THR B 124 -0.75 -4.02 -5.18
CA THR B 124 -0.55 -2.98 -6.16
C THR B 124 0.91 -2.52 -6.08
N TYR B 125 1.56 -2.41 -7.25
CA TYR B 125 3.01 -2.23 -7.32
C TYR B 125 3.32 -1.23 -8.42
N PHE B 126 3.69 -0.02 -8.00
CA PHE B 126 4.08 1.05 -8.91
C PHE B 126 5.54 0.87 -9.36
N THR B 127 5.75 0.79 -10.67
CA THR B 127 7.08 0.75 -11.24
C THR B 127 7.42 2.09 -11.86
N ARG B 128 8.55 2.10 -12.56
CA ARG B 128 9.07 3.25 -13.29
C ARG B 128 8.16 3.53 -14.49
N TYR B 129 7.52 2.47 -15.02
CA TYR B 129 6.76 2.56 -16.26
C TYR B 129 5.29 2.17 -16.09
N ALA B 130 4.93 1.52 -14.99
CA ALA B 130 3.62 0.87 -14.92
C ALA B 130 3.03 0.83 -13.51
N LYS B 131 1.72 0.63 -13.45
CA LYS B 131 1.01 0.25 -12.24
C LYS B 131 0.57 -1.21 -12.38
N CYS B 132 1.04 -2.07 -11.48
CA CYS B 132 0.79 -3.50 -11.53
C CYS B 132 -0.20 -3.89 -10.42
N ILE B 133 -1.18 -4.74 -10.76
CA ILE B 133 -2.17 -5.19 -9.80
C ILE B 133 -2.35 -6.69 -9.91
N LEU B 134 -2.05 -7.40 -8.82
CA LEU B 134 -2.38 -8.80 -8.66
C LEU B 134 -3.70 -8.89 -7.90
N MET B 135 -4.65 -9.66 -8.44
CA MET B 135 -6.00 -9.69 -7.93
C MET B 135 -6.10 -10.81 -6.89
N GLU B 136 -7.29 -10.96 -6.30
CA GLU B 136 -7.47 -11.82 -5.14
C GLU B 136 -7.93 -13.21 -5.56
N ASN B 137 -8.03 -13.48 -6.87
CA ASN B 137 -8.70 -14.71 -7.31
C ASN B 137 -7.68 -15.81 -7.58
N SER B 138 -6.86 -16.11 -6.56
CA SER B 138 -5.88 -17.20 -6.62
C SER B 138 -6.57 -18.54 -6.42
N PRO B 139 -6.01 -19.67 -6.90
CA PRO B 139 -4.72 -19.70 -7.60
C PRO B 139 -4.86 -19.28 -9.07
N GLY B 140 -3.73 -18.90 -9.67
CA GLY B 140 -3.72 -18.35 -11.01
C GLY B 140 -4.48 -17.03 -11.08
N ALA B 141 -4.16 -16.12 -10.15
CA ALA B 141 -4.91 -14.89 -10.02
C ALA B 141 -4.64 -13.99 -11.22
N ASP B 142 -5.62 -13.14 -11.53
CA ASP B 142 -5.50 -12.18 -12.61
C ASP B 142 -4.41 -11.16 -12.28
N PHE B 143 -3.87 -10.56 -13.34
CA PHE B 143 -2.79 -9.58 -13.25
C PHE B 143 -3.01 -8.52 -14.31
N GLU B 144 -3.23 -7.28 -13.87
CA GLU B 144 -3.39 -6.15 -14.78
C GLU B 144 -2.17 -5.24 -14.66
N VAL B 145 -1.71 -4.72 -15.79
CA VAL B 145 -0.60 -3.78 -15.84
C VAL B 145 -1.07 -2.56 -16.63
N TRP B 146 -1.12 -1.41 -15.95
CA TRP B 146 -1.53 -0.16 -16.55
C TRP B 146 -0.29 0.71 -16.74
N PHE B 147 0.23 0.74 -17.98
CA PHE B 147 1.40 1.56 -18.28
C PHE B 147 1.00 3.03 -18.34
N TYR B 148 1.90 3.90 -17.89
CA TYR B 148 1.62 5.33 -17.75
C TYR B 148 1.41 5.97 -19.12
N ASP B 149 1.91 5.32 -20.18
CA ASP B 149 1.81 5.85 -21.53
C ASP B 149 0.46 5.45 -22.17
N GLY B 150 -0.27 4.53 -21.52
CA GLY B 150 -1.63 4.21 -21.92
C GLY B 150 -1.84 2.74 -22.27
N VAL B 151 -0.74 2.00 -22.51
CA VAL B 151 -0.81 0.59 -22.85
C VAL B 151 -1.28 -0.20 -21.63
N LYS B 152 -2.05 -1.26 -21.85
CA LYS B 152 -2.59 -2.08 -20.79
C LYS B 152 -2.43 -3.55 -21.17
N ILE B 153 -2.04 -4.37 -20.18
CA ILE B 153 -1.95 -5.81 -20.39
C ILE B 153 -2.70 -6.50 -19.25
N HIS B 154 -3.54 -7.47 -19.62
CA HIS B 154 -4.39 -8.18 -18.69
C HIS B 154 -4.16 -9.69 -18.86
N LYS B 155 -3.57 -10.33 -17.84
CA LYS B 155 -3.32 -11.77 -17.85
C LYS B 155 -4.42 -12.50 -17.11
N THR B 156 -4.87 -13.62 -17.71
CA THR B 156 -5.81 -14.55 -17.10
C THR B 156 -5.12 -15.91 -17.10
N GLU B 157 -5.81 -16.95 -16.60
CA GLU B 157 -5.30 -18.31 -16.72
C GLU B 157 -5.68 -18.90 -18.07
N ASP B 158 -6.42 -18.12 -18.89
CA ASP B 158 -6.87 -18.57 -20.20
C ASP B 158 -6.15 -17.81 -21.32
N PHE B 159 -5.87 -16.52 -21.10
CA PHE B 159 -5.34 -15.69 -22.18
C PHE B 159 -4.66 -14.43 -21.64
N ILE B 160 -3.98 -13.72 -22.55
CA ILE B 160 -3.34 -12.44 -22.24
C ILE B 160 -3.87 -11.38 -23.21
N GLN B 161 -4.62 -10.40 -22.69
CA GLN B 161 -5.16 -9.34 -23.51
C GLN B 161 -4.18 -8.17 -23.52
N VAL B 162 -4.03 -7.55 -24.71
CA VAL B 162 -3.19 -6.38 -24.88
C VAL B 162 -4.04 -5.29 -25.51
N ILE B 163 -3.96 -4.08 -24.94
CA ILE B 163 -4.68 -2.91 -25.43
C ILE B 163 -3.65 -1.82 -25.68
N GLU B 164 -3.53 -1.38 -26.94
CA GLU B 164 -2.58 -0.33 -27.32
C GLU B 164 -3.18 1.02 -27.00
N LYS B 165 -2.37 2.09 -27.17
CA LYS B 165 -2.77 3.44 -26.80
C LYS B 165 -3.99 3.86 -27.63
N THR B 166 -4.00 3.43 -28.89
CA THR B 166 -5.09 3.66 -29.82
C THR B 166 -6.44 3.20 -29.25
N GLY B 167 -6.41 2.15 -28.43
CA GLY B 167 -7.62 1.44 -28.03
C GLY B 167 -7.74 0.12 -28.79
N LYS B 168 -6.76 -0.14 -29.68
CA LYS B 168 -6.67 -1.40 -30.41
C LYS B 168 -6.28 -2.51 -29.43
N SER B 169 -6.84 -3.71 -29.64
CA SER B 169 -6.78 -4.76 -28.65
C SER B 169 -6.83 -6.13 -29.33
N TYR B 170 -6.17 -7.11 -28.70
CA TYR B 170 -6.14 -8.49 -29.19
C TYR B 170 -5.75 -9.43 -28.05
N THR B 171 -6.14 -10.69 -28.20
CA THR B 171 -5.94 -11.72 -27.19
C THR B 171 -4.79 -12.63 -27.62
N LEU B 172 -4.03 -13.12 -26.64
CA LEU B 172 -2.97 -14.09 -26.87
C LEU B 172 -3.28 -15.35 -26.08
N LYS B 173 -3.75 -16.37 -26.79
CA LYS B 173 -4.27 -17.60 -26.19
C LYS B 173 -3.13 -18.58 -25.94
N SER B 174 -1.96 -18.32 -26.54
CA SER B 174 -0.89 -19.31 -26.60
C SER B 174 0.43 -18.69 -26.14
N GLU B 175 1.44 -19.57 -26.05
CA GLU B 175 2.81 -19.18 -25.76
C GLU B 175 3.57 -19.03 -27.09
N SER B 176 3.12 -19.79 -28.09
CA SER B 176 3.56 -19.65 -29.48
C SER B 176 3.25 -18.26 -30.04
N GLU B 177 2.10 -17.70 -29.60
CA GLU B 177 1.64 -16.39 -30.05
C GLU B 177 2.48 -15.28 -29.39
N VAL B 178 2.79 -15.47 -28.10
CA VAL B 178 3.46 -14.46 -27.29
C VAL B 178 4.67 -13.89 -28.04
N ASN B 179 5.47 -14.78 -28.66
CA ASN B 179 6.80 -14.43 -29.15
C ASN B 179 6.73 -13.79 -30.53
N SER B 180 5.57 -13.84 -31.18
CA SER B 180 5.46 -13.45 -32.59
C SER B 180 5.13 -11.97 -32.74
N LEU B 181 5.27 -11.18 -31.67
CA LEU B 181 4.80 -9.80 -31.65
C LEU B 181 5.91 -8.85 -32.09
N LYS B 182 5.63 -7.55 -32.02
CA LYS B 182 6.29 -6.54 -32.85
C LYS B 182 7.47 -5.88 -32.13
N GLU B 183 8.08 -6.59 -31.17
CA GLU B 183 9.26 -6.13 -30.45
C GLU B 183 8.91 -5.01 -29.47
N GLU B 184 8.26 -3.93 -29.93
CA GLU B 184 7.87 -2.86 -29.03
C GLU B 184 6.84 -3.39 -28.03
N ILE B 185 5.97 -4.29 -28.49
CA ILE B 185 4.93 -4.89 -27.65
C ILE B 185 5.55 -5.96 -26.76
N LYS B 186 6.65 -6.56 -27.21
CA LYS B 186 7.33 -7.59 -26.43
C LYS B 186 8.05 -6.97 -25.24
N MET B 187 8.42 -5.69 -25.33
CA MET B 187 9.04 -4.99 -24.22
C MET B 187 8.03 -4.80 -23.10
N TYR B 188 6.84 -4.27 -23.46
CA TYR B 188 5.72 -4.16 -22.54
C TYR B 188 5.47 -5.50 -21.85
N MET B 189 5.42 -6.56 -22.65
CA MET B 189 5.08 -7.88 -22.14
C MET B 189 6.14 -8.35 -21.16
N ASP B 190 7.40 -7.97 -21.40
CA ASP B 190 8.50 -8.35 -20.53
C ASP B 190 8.39 -7.63 -19.18
N HIS B 191 8.03 -6.35 -19.21
CA HIS B 191 7.90 -5.57 -17.98
C HIS B 191 6.78 -6.17 -17.11
N ALA B 192 5.70 -6.60 -17.76
CA ALA B 192 4.54 -7.15 -17.08
C ALA B 192 4.91 -8.47 -16.41
N ASN B 193 5.69 -9.30 -17.11
CA ASN B 193 6.15 -10.57 -16.57
C ASN B 193 7.08 -10.32 -15.39
N GLU B 194 7.90 -9.27 -15.46
CA GLU B 194 8.78 -8.89 -14.35
C GLU B 194 7.91 -8.49 -13.16
N GLY B 195 6.90 -7.66 -13.41
CA GLY B 195 6.01 -7.20 -12.36
C GLY B 195 5.26 -8.36 -11.68
N HIS B 196 4.87 -9.35 -12.48
CA HIS B 196 4.08 -10.47 -12.00
C HIS B 196 4.93 -11.31 -11.04
N ARG B 197 6.19 -11.57 -11.43
CA ARG B 197 7.12 -12.35 -10.63
C ARG B 197 7.32 -11.71 -9.26
N ILE B 198 7.51 -10.38 -9.26
CA ILE B 198 7.75 -9.63 -8.03
C ILE B 198 6.53 -9.72 -7.11
N CYS B 199 5.34 -9.49 -7.66
CA CYS B 199 4.11 -9.53 -6.90
C CYS B 199 3.86 -10.94 -6.34
N LEU B 200 4.21 -11.99 -7.10
CA LEU B 200 4.02 -13.36 -6.64
C LEU B 200 5.01 -13.69 -5.52
N ALA B 201 6.25 -13.20 -5.64
CA ALA B 201 7.24 -13.43 -4.60
C ALA B 201 6.81 -12.78 -3.29
N LEU B 202 6.33 -11.53 -3.39
CA LEU B 202 5.96 -10.73 -2.23
C LEU B 202 4.69 -11.29 -1.59
N GLU B 203 3.75 -11.73 -2.42
CA GLU B 203 2.57 -12.41 -1.92
C GLU B 203 3.04 -13.57 -1.04
N SER B 204 3.95 -14.38 -1.58
CA SER B 204 4.42 -15.58 -0.93
C SER B 204 5.06 -15.28 0.43
N ILE B 205 5.99 -14.32 0.48
CA ILE B 205 6.74 -14.06 1.71
C ILE B 205 5.85 -13.38 2.74
N ILE B 206 4.98 -12.45 2.29
CA ILE B 206 4.14 -11.71 3.22
C ILE B 206 3.07 -12.65 3.80
N SER B 207 2.54 -13.54 2.96
CA SER B 207 1.61 -14.57 3.39
C SER B 207 2.21 -15.44 4.50
N GLU B 208 3.48 -15.83 4.33
CA GLU B 208 4.15 -16.67 5.32
C GLU B 208 4.26 -15.92 6.65
N GLU B 209 4.65 -14.64 6.58
CA GLU B 209 4.74 -13.80 7.77
C GLU B 209 3.36 -13.66 8.43
N GLU B 210 2.32 -13.54 7.61
CA GLU B 210 0.96 -13.38 8.10
C GLU B 210 0.59 -14.61 8.91
N ARG B 211 0.91 -15.80 8.39
CA ARG B 211 0.55 -17.07 8.99
C ARG B 211 1.19 -17.20 10.38
N LYS B 212 2.45 -16.78 10.52
CA LYS B 212 3.17 -16.88 11.78
C LYS B 212 2.67 -15.83 12.78
N THR B 213 2.27 -14.66 12.26
CA THR B 213 1.88 -13.54 13.08
C THR B 213 0.39 -13.61 13.40
N ARG B 214 0.05 -13.63 14.69
CA ARG B 214 -1.32 -13.36 15.09
C ARG B 214 -1.51 -11.85 15.08
N SER B 215 -2.16 -11.34 14.03
CA SER B 215 -2.44 -9.91 13.93
C SER B 215 -3.43 -9.62 12.81
N ALA B 216 -3.60 -8.33 12.50
CA ALA B 216 -4.51 -7.86 11.47
C ALA B 216 -3.96 -8.22 10.08
N PRO B 217 -4.83 -8.30 9.05
CA PRO B 217 -4.41 -8.68 7.70
C PRO B 217 -3.27 -7.87 7.09
N PHE B 218 -2.38 -8.56 6.36
CA PHE B 218 -1.29 -7.94 5.63
C PHE B 218 -1.68 -7.71 4.18
N PHE B 219 -2.98 -7.88 3.87
CA PHE B 219 -3.49 -7.70 2.52
C PHE B 219 -4.81 -6.94 2.57
N PRO B 220 -5.10 -6.02 1.61
CA PRO B 220 -4.20 -5.74 0.49
C PRO B 220 -3.03 -4.81 0.81
N ILE B 221 -2.07 -4.75 -0.11
CA ILE B 221 -0.89 -3.90 0.03
C ILE B 221 -0.77 -3.02 -1.20
N ILE B 222 -0.29 -1.78 -1.00
CA ILE B 222 0.12 -0.90 -2.06
C ILE B 222 1.63 -0.64 -1.89
N ILE B 223 2.41 -0.96 -2.93
CA ILE B 223 3.87 -0.86 -2.89
C ILE B 223 4.33 0.28 -3.80
N GLY B 224 5.05 1.25 -3.23
CA GLY B 224 5.59 2.37 -3.99
C GLY B 224 4.51 3.43 -4.27
N ARG B 225 4.79 4.30 -5.23
CA ARG B 225 3.89 5.37 -5.59
C ARG B 225 4.11 5.75 -7.06
N LYS B 226 3.11 6.41 -7.64
CA LYS B 226 3.18 6.85 -9.02
C LYS B 226 4.17 8.02 -9.13
N PRO B 227 5.09 8.01 -10.12
CA PRO B 227 5.78 9.22 -10.54
C PRO B 227 4.83 10.23 -11.21
S SO4 C . 2.05 9.93 -1.69
O1 SO4 C . 2.30 11.01 -2.60
O2 SO4 C . 3.10 9.88 -0.70
O3 SO4 C . 0.80 10.15 -1.01
O4 SO4 C . 2.00 8.69 -2.41
S SO4 D . -10.10 0.54 -0.43
O1 SO4 D . -8.80 1.04 -0.81
O2 SO4 D . -10.16 -0.88 -0.71
O3 SO4 D . -10.31 0.75 0.98
O4 SO4 D . -11.11 1.22 -1.16
S SO4 E . 15.17 0.40 11.41
O1 SO4 E . 15.56 0.44 10.03
O2 SO4 E . 14.50 -0.84 11.68
O3 SO4 E . 16.33 0.51 12.25
O4 SO4 E . 14.26 1.48 11.69
S SO4 F . -15.64 -8.09 -17.43
O1 SO4 F . -14.71 -6.99 -17.46
O2 SO4 F . -15.04 -9.19 -16.70
O3 SO4 F . -16.86 -7.70 -16.78
O4 SO4 F . -15.93 -8.51 -18.78
S SO4 G . -7.92 -16.08 2.64
O1 SO4 G . -6.51 -16.33 2.58
O2 SO4 G . -8.63 -17.28 2.98
O3 SO4 G . -8.19 -15.07 3.63
O4 SO4 G . -8.38 -15.61 1.35
S SO4 H . -40.51 -17.18 10.06
O1 SO4 H . -39.52 -16.61 9.20
O2 SO4 H . -40.65 -18.58 9.78
O3 SO4 H . -40.13 -17.01 11.43
O4 SO4 H . -41.76 -16.51 9.82
S SO4 I . -28.33 -11.22 7.63
O1 SO4 I . -28.55 -10.00 6.89
O2 SO4 I . -26.95 -11.30 8.03
O3 SO4 I . -29.16 -11.23 8.80
O4 SO4 I . -28.65 -12.36 6.80
S SO4 J . -0.41 -19.58 -8.81
O1 SO4 J . 0.06 -18.35 -9.38
O2 SO4 J . 0.71 -20.33 -8.27
O3 SO4 J . -1.36 -19.31 -7.76
O4 SO4 J . -1.04 -20.37 -9.84
#